data_2ET6
#
_entry.id   2ET6
#
_cell.length_a   74.895
_cell.length_b   78.340
_cell.length_c   95.445
_cell.angle_alpha   90.00
_cell.angle_beta   90.00
_cell.angle_gamma   90.00
#
_symmetry.space_group_name_H-M   'P 21 21 21'
#
loop_
_entity.id
_entity.type
_entity.pdbx_description
1 polymer '(3R)-hydroxyacyl-CoA dehydrogenase'
2 water water
#
_entity_poly.entity_id   1
_entity_poly.type   'polypeptide(L)'
_entity_poly.pdbx_seq_one_letter_code
;MSPVDFKDKVVIITGAGGGLGKYYSLEFAKLGAKVVVNDLGGALNGQGGNSKAADVVVDEIVKNGGVAVADYNNVLDGDK
IVETAVKNFGTVHVIINNAGILRDASMKKMTEKDYKLVIDVHLNGAFAVTKAAWPYFQKQKYGRIVNTSSPAGLYGNFGQ
ANYASAKSALLGFAETLAKEGAKYNIKANAIAPLARSRMTESIMPPPMLEKLGPEKVAPLVLYLSSAENELTGQFFEVAA
GFYAQIRWERSGGVLFKPDQSFTAEVVAKRFSEILDYDDSRKPEYLKNQYPFMLNDYATLTNEARKLPANDASGAPTVSL
KDKVVLITGAGAGLGKEYAKWFAKYGAKVVVNDFKDATKTVDEIKAAGGEAWPDQHDVAKDSEAIIKNVIDKYGTIDILV
NNAGILRDRSFAKMSKQEWDSVQQVHLIGTFNLSRLAWPYFVEKQFGRIINITSTSGIYGNFGQANYSSSKAGILGLSKT
MAIEGAKNNIKVNIVAPHAETAMTLSIMREQDKNLYHADQVAPLLVYLGTDDVPVTGETFEIGGGWIGNTRWQRAKGAVS
HDEHTTVEFIKEHLNEITDFTTDTENPKSTTESSMAILSAVGGD
;
_entity_poly.pdbx_strand_id   A
#
# COMPACT_ATOMS: atom_id res chain seq x y z
N SER A 2 -17.63 25.09 -23.52
CA SER A 2 -17.01 25.84 -22.38
C SER A 2 -15.96 24.97 -21.66
N PRO A 3 -14.98 25.61 -21.00
CA PRO A 3 -13.85 24.88 -20.41
C PRO A 3 -14.22 24.10 -19.15
N VAL A 4 -13.25 23.39 -18.56
CA VAL A 4 -13.50 22.67 -17.32
C VAL A 4 -13.69 23.67 -16.19
N ASP A 5 -14.82 23.55 -15.50
CA ASP A 5 -15.31 24.55 -14.57
C ASP A 5 -14.91 24.24 -13.13
N PHE A 6 -14.53 25.27 -12.40
CA PHE A 6 -14.21 25.17 -10.98
C PHE A 6 -14.80 26.33 -10.18
N LYS A 7 -15.67 27.12 -10.81
CA LYS A 7 -16.14 28.36 -10.22
C LYS A 7 -16.82 28.12 -8.86
N ASP A 8 -16.35 28.88 -7.87
CA ASP A 8 -16.91 28.91 -6.52
C ASP A 8 -16.76 27.59 -5.76
N LYS A 9 -15.87 26.73 -6.20
CA LYS A 9 -15.60 25.47 -5.50
C LYS A 9 -14.60 25.81 -4.43
N VAL A 10 -14.90 25.42 -3.18
CA VAL A 10 -14.00 25.59 -2.03
C VAL A 10 -13.00 24.46 -1.88
N VAL A 11 -11.70 24.80 -1.85
CA VAL A 11 -10.63 23.78 -2.11
C VAL A 11 -9.53 23.90 -1.10
N ILE A 12 -9.40 22.87 -0.28
CA ILE A 12 -8.37 22.80 0.73
C ILE A 12 -7.19 22.09 0.16
N ILE A 13 -6.05 22.76 0.24
CA ILE A 13 -4.77 22.22 -0.11
C ILE A 13 -3.82 22.31 1.07
N THR A 14 -3.46 21.15 1.61
CA THR A 14 -2.51 21.05 2.72
C THR A 14 -1.06 21.18 2.20
N GLY A 15 -0.19 21.76 3.02
CA GLY A 15 1.21 21.98 2.65
C GLY A 15 1.36 22.86 1.40
N ALA A 16 0.56 23.92 1.35
CA ALA A 16 0.38 24.74 0.14
C ALA A 16 1.28 25.99 0.14
N GLY A 17 2.25 26.02 1.02
CA GLY A 17 3.14 27.17 1.15
C GLY A 17 4.23 27.20 0.09
N GLY A 18 4.42 26.06 -0.57
CA GLY A 18 5.42 25.94 -1.62
C GLY A 18 5.21 24.74 -2.52
N GLY A 19 6.08 24.61 -3.51
CA GLY A 19 6.11 23.45 -4.37
C GLY A 19 4.77 23.16 -5.00
N LEU A 20 4.47 21.87 -5.17
CA LEU A 20 3.21 21.44 -5.79
C LEU A 20 1.97 22.10 -5.17
N GLY A 21 1.89 22.08 -3.85
CA GLY A 21 0.74 22.65 -3.12
C GLY A 21 0.45 24.14 -3.40
N LYS A 22 1.53 24.93 -3.52
CA LYS A 22 1.40 26.36 -3.83
C LYS A 22 0.94 26.56 -5.27
N TYR A 23 1.48 25.76 -6.18
CA TYR A 23 1.12 25.89 -7.60
C TYR A 23 -0.36 25.62 -7.75
N TYR A 24 -0.83 24.51 -7.16
CA TYR A 24 -2.24 24.13 -7.28
C TYR A 24 -3.09 25.27 -6.77
N SER A 25 -2.66 25.94 -5.70
CA SER A 25 -3.46 26.99 -5.11
C SER A 25 -3.69 28.09 -6.14
N LEU A 26 -2.62 28.43 -6.86
CA LEU A 26 -2.66 29.51 -7.84
C LEU A 26 -3.52 29.15 -9.06
N GLU A 27 -3.39 27.89 -9.49
CA GLU A 27 -4.10 27.40 -10.67
C GLU A 27 -5.58 27.29 -10.43
N PHE A 28 -5.93 26.85 -9.19
CA PHE A 28 -7.32 26.61 -8.86
C PHE A 28 -7.99 27.95 -8.82
N ALA A 29 -7.32 28.90 -8.15
CA ALA A 29 -7.86 30.23 -7.89
C ALA A 29 -7.95 31.06 -9.18
N LYS A 30 -7.07 30.76 -10.13
CA LYS A 30 -7.12 31.39 -11.44
C LYS A 30 -8.44 31.02 -12.13
N LEU A 31 -8.91 29.81 -11.87
CA LEU A 31 -10.14 29.28 -12.47
C LEU A 31 -11.39 29.50 -11.62
N GLY A 32 -11.28 30.38 -10.63
CA GLY A 32 -12.41 30.88 -9.89
C GLY A 32 -12.74 30.13 -8.60
N ALA A 33 -11.84 29.25 -8.16
CA ALA A 33 -12.05 28.44 -6.98
C ALA A 33 -11.74 29.26 -5.75
N LYS A 34 -12.30 28.86 -4.62
CA LYS A 34 -12.01 29.51 -3.35
C LYS A 34 -11.07 28.57 -2.62
N VAL A 35 -9.82 28.99 -2.50
CA VAL A 35 -8.78 28.16 -1.92
C VAL A 35 -8.51 28.43 -0.44
N VAL A 36 -8.52 27.34 0.34
CA VAL A 36 -7.91 27.32 1.65
C VAL A 36 -6.46 26.85 1.48
N VAL A 37 -5.55 27.79 1.66
CA VAL A 37 -4.12 27.56 1.64
C VAL A 37 -3.61 27.21 3.04
N ASN A 38 -3.36 25.93 3.26
CA ASN A 38 -2.82 25.46 4.52
C ASN A 38 -1.31 25.23 4.47
N ASP A 39 -0.61 25.86 5.42
CA ASP A 39 0.79 25.57 5.71
C ASP A 39 1.16 25.95 7.16
N LEU A 40 1.73 24.96 7.84
CA LEU A 40 2.36 25.12 9.12
C LEU A 40 3.59 26.01 8.95
N LYS A 52 2.76 32.60 7.97
CA LYS A 52 3.72 33.30 7.13
C LYS A 52 3.77 32.75 5.69
N ALA A 53 4.09 31.47 5.53
CA ALA A 53 4.23 30.88 4.20
C ALA A 53 2.90 30.87 3.43
N ALA A 54 1.82 30.56 4.15
CA ALA A 54 0.47 30.52 3.59
C ALA A 54 0.01 31.90 3.21
N ASP A 55 0.37 32.87 4.04
CA ASP A 55 0.07 34.27 3.79
C ASP A 55 0.67 34.68 2.45
N VAL A 56 1.91 34.27 2.19
CA VAL A 56 2.61 34.65 0.95
C VAL A 56 1.85 34.20 -0.30
N VAL A 57 1.39 32.95 -0.26
CA VAL A 57 0.55 32.41 -1.31
C VAL A 57 -0.82 33.11 -1.38
N VAL A 58 -1.45 33.37 -0.22
CA VAL A 58 -2.78 34.02 -0.18
C VAL A 58 -2.77 35.46 -0.73
N ASP A 59 -1.64 36.16 -0.51
CA ASP A 59 -1.44 37.50 -1.07
C ASP A 59 -1.34 37.49 -2.62
N GLU A 60 -0.58 36.56 -3.20
CA GLU A 60 -0.48 36.49 -4.67
C GLU A 60 -1.84 36.29 -5.31
N ILE A 61 -2.63 35.42 -4.67
CA ILE A 61 -3.94 35.03 -5.15
C ILE A 61 -4.85 36.25 -5.20
N VAL A 62 -4.94 36.94 -4.07
CA VAL A 62 -5.82 38.10 -3.97
C VAL A 62 -5.34 39.20 -4.89
N LYS A 63 -4.02 39.39 -4.97
CA LYS A 63 -3.43 40.44 -5.81
C LYS A 63 -3.79 40.20 -7.28
N ASN A 64 -3.83 38.92 -7.67
CA ASN A 64 -4.14 38.51 -9.04
C ASN A 64 -5.59 38.10 -9.25
N GLY A 65 -6.50 38.74 -8.54
CA GLY A 65 -7.91 38.60 -8.82
C GLY A 65 -8.64 37.38 -8.27
N GLY A 66 -8.05 36.67 -7.32
CA GLY A 66 -8.66 35.45 -6.76
C GLY A 66 -9.24 35.56 -5.33
N VAL A 67 -9.77 34.42 -4.89
CA VAL A 67 -10.33 34.22 -3.55
C VAL A 67 -9.53 33.11 -2.84
N ALA A 68 -8.94 33.46 -1.71
CA ALA A 68 -8.20 32.53 -0.86
C ALA A 68 -8.14 33.05 0.60
N VAL A 69 -8.08 32.11 1.53
CA VAL A 69 -7.71 32.39 2.93
C VAL A 69 -6.61 31.43 3.38
N ALA A 70 -5.77 31.90 4.30
CA ALA A 70 -4.70 31.08 4.87
C ALA A 70 -5.22 30.28 6.05
N ASP A 71 -4.59 29.13 6.28
CA ASP A 71 -4.77 28.33 7.48
C ASP A 71 -3.39 27.83 7.89
N TYR A 72 -3.07 27.99 9.17
CA TYR A 72 -1.72 27.79 9.69
C TYR A 72 -1.56 26.46 10.42
N ASN A 73 -2.62 25.65 10.43
CA ASN A 73 -2.65 24.46 11.26
C ASN A 73 -1.80 23.31 10.80
N ASN A 74 -1.43 22.52 11.80
CA ASN A 74 -0.87 21.21 11.64
C ASN A 74 -1.91 20.29 10.96
N VAL A 75 -1.49 19.49 9.96
CA VAL A 75 -2.47 18.64 9.23
C VAL A 75 -3.16 17.60 10.10
N LEU A 76 -2.59 17.37 11.30
CA LEU A 76 -3.20 16.47 12.26
C LEU A 76 -4.49 17.08 12.78
N ASP A 77 -4.50 18.42 12.85
CA ASP A 77 -5.68 19.22 13.26
C ASP A 77 -6.62 19.48 12.07
N GLY A 78 -6.96 18.39 11.34
CA GLY A 78 -7.76 18.46 10.14
C GLY A 78 -9.12 19.09 10.33
N ASP A 79 -9.69 18.90 11.56
CA ASP A 79 -10.92 19.53 11.97
C ASP A 79 -10.84 21.07 11.92
N LYS A 80 -9.73 21.63 12.38
CA LYS A 80 -9.52 23.08 12.36
C LYS A 80 -9.30 23.64 10.95
N ILE A 81 -8.65 22.86 10.07
CA ILE A 81 -8.40 23.30 8.70
C ILE A 81 -9.77 23.47 8.02
N VAL A 82 -10.56 22.41 8.09
CA VAL A 82 -11.87 22.40 7.43
C VAL A 82 -12.76 23.45 8.08
N GLU A 83 -12.59 23.65 9.39
CA GLU A 83 -13.29 24.71 10.13
C GLU A 83 -12.99 26.08 9.49
N THR A 84 -11.77 26.24 8.95
CA THR A 84 -11.36 27.47 8.25
C THR A 84 -12.14 27.67 6.94
N ALA A 85 -12.19 26.61 6.12
CA ALA A 85 -13.01 26.60 4.92
C ALA A 85 -14.48 26.93 5.24
N VAL A 86 -15.02 26.40 6.34
CA VAL A 86 -16.46 26.48 6.56
C VAL A 86 -16.81 27.90 7.00
N LYS A 87 -16.04 28.44 7.96
CA LYS A 87 -16.18 29.83 8.40
C LYS A 87 -16.17 30.82 7.24
N ASN A 88 -15.17 30.66 6.35
CA ASN A 88 -14.92 31.65 5.31
C ASN A 88 -15.83 31.48 4.10
N PHE A 89 -16.20 30.24 3.81
CA PHE A 89 -16.87 29.90 2.53
C PHE A 89 -18.10 28.99 2.66
N GLY A 90 -18.45 28.57 3.89
CA GLY A 90 -19.69 27.85 4.14
C GLY A 90 -19.67 26.33 3.91
N THR A 91 -18.61 25.83 3.29
CA THR A 91 -18.47 24.39 3.06
C THR A 91 -17.06 24.07 2.48
N VAL A 92 -16.87 22.80 2.12
CA VAL A 92 -15.72 22.37 1.31
C VAL A 92 -16.17 21.38 0.21
N HIS A 93 -15.55 21.45 -0.95
CA HIS A 93 -15.85 20.51 -2.06
C HIS A 93 -14.68 19.64 -2.49
N VAL A 94 -13.46 20.17 -2.38
CA VAL A 94 -12.27 19.47 -2.79
C VAL A 94 -11.22 19.40 -1.67
N ILE A 95 -10.68 18.21 -1.39
CA ILE A 95 -9.47 18.08 -0.58
C ILE A 95 -8.32 17.62 -1.46
N ILE A 96 -7.22 18.35 -1.47
CA ILE A 96 -5.96 17.93 -2.09
C ILE A 96 -4.97 17.56 -1.00
N ASN A 97 -4.81 16.25 -0.77
CA ASN A 97 -3.91 15.77 0.26
C ASN A 97 -2.49 15.82 -0.23
N ASN A 98 -1.80 16.92 0.09
CA ASN A 98 -0.44 17.21 -0.40
C ASN A 98 0.62 17.33 0.67
N ALA A 99 0.24 17.77 1.87
CA ALA A 99 1.21 18.06 2.92
C ALA A 99 2.17 16.89 3.11
N GLY A 100 3.45 17.21 3.20
CA GLY A 100 4.50 16.22 3.36
C GLY A 100 5.70 16.64 4.20
N ILE A 101 6.73 15.79 4.15
CA ILE A 101 7.90 15.83 5.01
C ILE A 101 8.73 14.56 4.80
N LEU A 102 10.05 14.70 4.76
CA LEU A 102 10.97 13.59 4.49
C LEU A 102 11.86 13.37 5.72
N ARG A 103 12.06 12.09 6.07
CA ARG A 103 13.07 11.67 7.05
C ARG A 103 13.70 10.39 6.54
N ASP A 104 14.43 10.54 5.43
CA ASP A 104 15.08 9.42 4.77
C ASP A 104 16.19 8.79 5.61
N ALA A 105 16.16 7.47 5.67
CA ALA A 105 17.24 6.67 6.24
C ALA A 105 17.08 5.23 5.78
N SER A 106 18.20 4.57 5.54
CA SER A 106 18.20 3.12 5.39
C SER A 106 17.60 2.42 6.60
N MET A 107 17.24 1.16 6.43
CA MET A 107 16.69 0.34 7.52
C MET A 107 17.66 0.17 8.68
N LYS A 108 18.95 0.35 8.41
CA LYS A 108 19.97 0.31 9.46
C LYS A 108 19.85 1.51 10.43
N LYS A 109 19.58 2.70 9.90
CA LYS A 109 19.65 3.97 10.66
C LYS A 109 18.28 4.51 11.10
N MET A 110 17.23 4.17 10.37
CA MET A 110 15.94 4.79 10.58
C MET A 110 15.40 4.45 11.96
N THR A 111 15.01 5.47 12.71
CA THR A 111 14.46 5.30 14.04
C THR A 111 12.93 5.16 13.98
N GLU A 112 12.34 4.75 15.12
CA GLU A 112 10.89 4.65 15.24
C GLU A 112 10.25 6.02 15.03
N LYS A 113 10.92 7.07 15.49
CA LYS A 113 10.37 8.42 15.44
C LYS A 113 10.44 8.97 14.04
N ASP A 114 11.52 8.66 13.33
CA ASP A 114 11.62 9.01 11.91
C ASP A 114 10.41 8.39 11.17
N TYR A 115 10.00 7.18 11.57
CA TYR A 115 8.96 6.45 10.89
C TYR A 115 7.57 7.07 11.17
N LYS A 116 7.26 7.28 12.45
CA LYS A 116 5.92 7.74 12.89
C LYS A 116 5.59 9.18 12.47
N LEU A 117 6.56 10.06 12.65
CA LEU A 117 6.56 11.39 12.00
C LEU A 117 6.17 11.41 10.48
N VAL A 118 6.79 10.57 9.66
CA VAL A 118 6.48 10.57 8.21
C VAL A 118 5.10 9.96 7.94
N ILE A 119 4.72 8.93 8.70
CA ILE A 119 3.36 8.36 8.61
C ILE A 119 2.34 9.42 9.05
N ASP A 120 2.68 10.22 10.07
CA ASP A 120 1.73 11.15 10.64
C ASP A 120 1.34 12.22 9.62
N VAL A 121 2.33 12.79 8.94
CA VAL A 121 2.09 13.98 8.12
C VAL A 121 1.38 13.54 6.85
N HIS A 122 1.89 12.48 6.25
CA HIS A 122 1.38 12.04 4.95
C HIS A 122 0.04 11.34 5.06
N LEU A 123 -0.07 10.45 6.05
CA LEU A 123 -1.22 9.54 6.15
C LEU A 123 -2.21 10.02 7.18
N ASN A 124 -1.77 10.26 8.41
CA ASN A 124 -2.71 10.62 9.46
C ASN A 124 -3.25 12.07 9.34
N GLY A 125 -2.52 12.89 8.58
CA GLY A 125 -2.99 14.24 8.30
C GLY A 125 -4.09 14.16 7.28
N ALA A 126 -3.91 13.28 6.28
CA ALA A 126 -4.94 13.05 5.28
C ALA A 126 -6.20 12.51 5.93
N PHE A 127 -6.02 11.69 7.00
CA PHE A 127 -7.19 11.08 7.61
C PHE A 127 -7.93 12.22 8.33
N ALA A 128 -7.16 13.07 9.01
CA ALA A 128 -7.73 14.13 9.84
C ALA A 128 -8.53 15.14 9.01
N VAL A 129 -7.95 15.57 7.90
CA VAL A 129 -8.53 16.58 7.02
C VAL A 129 -9.76 16.04 6.32
N THR A 130 -9.62 14.82 5.78
CA THR A 130 -10.66 14.18 4.99
C THR A 130 -11.82 13.75 5.84
N LYS A 131 -11.52 13.20 7.02
CA LYS A 131 -12.54 12.84 7.98
C LYS A 131 -13.42 14.05 8.25
N ALA A 132 -12.80 15.20 8.46
CA ALA A 132 -13.50 16.47 8.75
C ALA A 132 -14.28 16.99 7.54
N ALA A 133 -13.74 16.76 6.35
CA ALA A 133 -14.39 17.17 5.10
C ALA A 133 -15.62 16.31 4.80
N TRP A 134 -15.59 15.07 5.28
CA TRP A 134 -16.60 14.05 4.95
C TRP A 134 -18.07 14.38 5.26
N PRO A 135 -18.43 14.89 6.46
CA PRO A 135 -19.85 15.27 6.68
C PRO A 135 -20.32 16.27 5.63
N TYR A 136 -19.45 17.22 5.27
CA TYR A 136 -19.87 18.31 4.40
C TYR A 136 -20.05 17.76 2.99
N PHE A 137 -19.15 16.88 2.57
CA PHE A 137 -19.29 16.16 1.32
C PHE A 137 -20.62 15.38 1.28
N GLN A 138 -20.93 14.72 2.38
CA GLN A 138 -22.15 13.89 2.49
C GLN A 138 -23.44 14.70 2.40
N LYS A 139 -23.45 15.87 3.04
CA LYS A 139 -24.67 16.69 3.17
C LYS A 139 -25.05 17.32 1.83
N GLN A 140 -24.04 17.81 1.10
CA GLN A 140 -24.24 18.45 -0.19
C GLN A 140 -24.26 17.43 -1.33
N LYS A 141 -23.95 16.17 -1.02
CA LYS A 141 -23.82 15.12 -2.01
C LYS A 141 -22.80 15.47 -3.12
N TYR A 142 -21.62 15.91 -2.68
CA TYR A 142 -20.51 16.16 -3.60
C TYR A 142 -19.19 16.27 -2.87
N GLY A 143 -18.16 15.66 -3.47
CA GLY A 143 -16.80 15.77 -2.98
C GLY A 143 -15.79 15.27 -4.00
N ARG A 144 -14.56 15.78 -3.90
CA ARG A 144 -13.47 15.38 -4.80
C ARG A 144 -12.17 15.32 -3.99
N ILE A 145 -11.55 14.14 -3.90
CA ILE A 145 -10.36 13.99 -3.07
C ILE A 145 -9.24 13.54 -3.91
N VAL A 146 -8.10 14.22 -3.79
CA VAL A 146 -6.86 13.74 -4.44
C VAL A 146 -5.82 13.44 -3.38
N ASN A 147 -5.42 12.16 -3.28
CA ASN A 147 -4.35 11.77 -2.37
C ASN A 147 -3.01 11.76 -3.16
N THR A 148 -2.01 12.49 -2.65
CA THR A 148 -0.68 12.49 -3.26
C THR A 148 0.09 11.27 -2.77
N SER A 149 0.23 10.29 -3.66
CA SER A 149 1.17 9.19 -3.51
C SER A 149 2.52 9.57 -4.16
N SER A 150 3.30 8.56 -4.51
CA SER A 150 4.58 8.73 -5.23
C SER A 150 5.04 7.37 -5.77
N PRO A 151 5.95 7.36 -6.73
CA PRO A 151 6.53 6.12 -7.21
C PRO A 151 7.05 5.22 -6.07
N ALA A 152 7.62 5.82 -5.04
CA ALA A 152 8.12 5.09 -3.87
C ALA A 152 6.97 4.35 -3.11
N GLY A 153 5.80 4.98 -3.04
CA GLY A 153 4.57 4.30 -2.65
C GLY A 153 4.19 3.10 -3.54
N LEU A 154 4.30 3.25 -4.86
CA LEU A 154 3.94 2.14 -5.77
C LEU A 154 4.92 0.99 -5.68
N TYR A 155 6.21 1.31 -5.63
CA TYR A 155 7.26 0.34 -5.91
C TYR A 155 8.25 0.03 -4.79
N GLY A 156 8.21 0.82 -3.71
CA GLY A 156 9.26 0.81 -2.70
C GLY A 156 10.41 1.67 -3.19
N ASN A 157 11.27 2.13 -2.27
CA ASN A 157 12.47 2.88 -2.65
C ASN A 157 13.50 2.89 -1.52
N PHE A 158 14.76 2.64 -1.86
CA PHE A 158 15.86 2.55 -0.91
C PHE A 158 15.85 3.78 -0.02
N GLY A 159 16.01 3.54 1.27
CA GLY A 159 16.11 4.61 2.26
C GLY A 159 14.83 5.35 2.60
N GLN A 160 13.68 4.90 2.11
CA GLN A 160 12.43 5.67 2.35
C GLN A 160 11.28 4.82 2.99
N ALA A 161 11.67 3.97 3.94
CA ALA A 161 10.78 2.91 4.39
C ALA A 161 9.51 3.51 4.88
N ASN A 162 9.64 4.61 5.62
CA ASN A 162 8.50 5.37 6.04
C ASN A 162 7.68 5.89 4.82
N TYR A 163 8.36 6.75 4.06
CA TYR A 163 7.71 7.56 3.03
C TYR A 163 6.97 6.64 2.04
N ALA A 164 7.60 5.51 1.70
CA ALA A 164 6.92 4.48 0.94
C ALA A 164 5.70 3.91 1.69
N SER A 165 5.90 3.55 2.96
CA SER A 165 4.70 3.17 3.81
C SER A 165 3.51 4.16 3.80
N ALA A 166 3.80 5.45 3.87
CA ALA A 166 2.73 6.44 3.90
C ALA A 166 2.12 6.60 2.51
N LYS A 167 2.97 6.71 1.51
CA LYS A 167 2.47 6.97 0.14
C LYS A 167 1.75 5.77 -0.43
N SER A 168 2.12 4.58 0.02
CA SER A 168 1.42 3.37 -0.41
C SER A 168 0.13 3.21 0.34
N ALA A 169 0.15 3.55 1.62
CA ALA A 169 -1.07 3.51 2.41
C ALA A 169 -2.14 4.33 1.68
N LEU A 170 -1.71 5.44 1.07
CA LEU A 170 -2.68 6.44 0.56
C LEU A 170 -3.35 5.97 -0.68
N LEU A 171 -2.80 4.90 -1.27
CA LEU A 171 -3.43 4.24 -2.35
C LEU A 171 -4.74 3.57 -1.84
N GLY A 172 -4.60 2.76 -0.77
CA GLY A 172 -5.73 1.98 -0.29
C GLY A 172 -6.79 2.90 0.34
N PHE A 173 -6.30 3.93 1.01
CA PHE A 173 -7.19 4.94 1.54
C PHE A 173 -8.04 5.54 0.41
N ALA A 174 -7.41 5.91 -0.69
CA ALA A 174 -8.15 6.46 -1.85
C ALA A 174 -9.19 5.48 -2.43
N GLU A 175 -8.85 4.21 -2.47
CA GLU A 175 -9.80 3.21 -2.99
C GLU A 175 -11.00 3.05 -2.05
N THR A 176 -10.73 3.09 -0.74
CA THR A 176 -11.79 2.94 0.24
C THR A 176 -12.71 4.12 0.18
N LEU A 177 -12.16 5.33 0.04
CA LEU A 177 -12.98 6.56 0.08
C LEU A 177 -13.86 6.55 -1.17
N ALA A 178 -13.27 6.17 -2.30
CA ALA A 178 -14.00 6.00 -3.60
C ALA A 178 -15.19 5.04 -3.53
N LYS A 179 -15.03 3.94 -2.82
CA LYS A 179 -16.14 2.99 -2.57
C LYS A 179 -17.22 3.52 -1.60
N GLU A 180 -16.81 4.05 -0.45
CA GLU A 180 -17.76 4.65 0.52
C GLU A 180 -18.40 5.90 -0.02
N GLY A 181 -17.65 6.63 -0.83
CA GLY A 181 -18.07 7.93 -1.30
C GLY A 181 -19.03 7.89 -2.48
N ALA A 182 -19.03 6.82 -3.28
CA ALA A 182 -19.80 6.76 -4.54
C ALA A 182 -21.26 7.24 -4.43
N LYS A 183 -21.98 6.76 -3.43
CA LYS A 183 -23.40 7.08 -3.31
C LYS A 183 -23.63 8.56 -3.00
N TYR A 184 -22.65 9.20 -2.38
CA TYR A 184 -22.69 10.63 -2.10
C TYR A 184 -22.06 11.54 -3.19
N ASN A 185 -21.69 10.97 -4.33
CA ASN A 185 -20.99 11.67 -5.40
C ASN A 185 -19.63 12.23 -4.95
N ILE A 186 -18.97 11.48 -4.08
CA ILE A 186 -17.59 11.75 -3.66
C ILE A 186 -16.68 10.77 -4.40
N LYS A 187 -15.74 11.30 -5.18
CA LYS A 187 -14.77 10.47 -5.90
C LYS A 187 -13.34 10.74 -5.37
N ALA A 188 -12.57 9.66 -5.21
CA ALA A 188 -11.25 9.79 -4.62
C ALA A 188 -10.23 9.11 -5.52
N ASN A 189 -9.11 9.79 -5.80
CA ASN A 189 -8.03 9.20 -6.62
C ASN A 189 -6.66 9.53 -6.06
N ALA A 190 -5.64 8.79 -6.49
CA ALA A 190 -4.27 9.05 -6.13
C ALA A 190 -3.39 9.33 -7.34
N ILE A 191 -2.49 10.30 -7.21
CA ILE A 191 -1.42 10.48 -8.20
C ILE A 191 -0.04 10.05 -7.65
N ALA A 192 0.90 9.76 -8.56
CA ALA A 192 2.23 9.36 -8.16
C ALA A 192 3.21 10.09 -9.04
N PRO A 193 3.43 11.38 -8.73
CA PRO A 193 4.34 12.21 -9.51
C PRO A 193 5.81 11.91 -9.25
N LEU A 194 6.53 11.67 -10.34
CA LEU A 194 7.96 11.46 -10.30
C LEU A 194 8.67 12.77 -9.96
N ALA A 195 9.63 12.70 -9.05
CA ALA A 195 10.36 13.89 -8.60
C ALA A 195 11.77 13.88 -9.16
N ARG A 196 12.39 15.06 -9.17
CA ARG A 196 13.80 15.16 -9.52
C ARG A 196 14.57 14.51 -8.40
N SER A 197 15.32 13.46 -8.70
CA SER A 197 16.21 12.87 -7.70
C SER A 197 17.51 12.45 -8.38
N ARG A 198 18.42 11.86 -7.60
CA ARG A 198 19.67 11.33 -8.15
C ARG A 198 19.39 10.21 -9.16
N MET A 199 18.35 9.43 -8.88
CA MET A 199 17.98 8.33 -9.76
C MET A 199 17.42 8.87 -11.07
N THR A 200 16.51 9.84 -10.97
CA THR A 200 15.87 10.41 -12.14
C THR A 200 16.89 11.14 -13.00
N GLU A 201 17.75 11.93 -12.35
CA GLU A 201 18.75 12.73 -13.05
C GLU A 201 19.79 11.88 -13.77
N SER A 202 19.87 10.59 -13.42
CA SER A 202 20.78 9.65 -14.07
C SER A 202 20.10 8.83 -15.17
N ILE A 203 18.77 8.96 -15.26
CA ILE A 203 17.97 8.22 -16.24
C ILE A 203 17.39 9.10 -17.36
N MET A 204 17.17 10.38 -17.07
CA MET A 204 16.40 11.25 -17.95
C MET A 204 17.21 12.48 -18.36
N PRO A 205 17.04 12.90 -19.62
CA PRO A 205 17.84 13.99 -20.18
C PRO A 205 17.39 15.36 -19.65
N PRO A 206 18.28 16.35 -19.70
CA PRO A 206 17.98 17.70 -19.18
C PRO A 206 16.65 18.35 -19.60
N PRO A 207 16.19 18.21 -20.85
CA PRO A 207 14.90 18.78 -21.26
C PRO A 207 13.67 18.19 -20.54
N MET A 208 13.70 16.91 -20.21
CA MET A 208 12.63 16.25 -19.47
C MET A 208 12.68 16.60 -17.99
N LEU A 209 13.89 16.75 -17.46
CA LEU A 209 14.09 17.10 -16.08
C LEU A 209 13.51 18.48 -15.76
N GLU A 210 13.58 19.40 -16.73
CA GLU A 210 13.06 20.76 -16.51
C GLU A 210 11.54 20.84 -16.71
N LYS A 211 10.95 19.81 -17.31
CA LYS A 211 9.49 19.65 -17.36
C LYS A 211 8.99 18.84 -16.18
N LEU A 212 9.91 18.30 -15.38
CA LEU A 212 9.57 17.49 -14.21
C LEU A 212 9.25 18.37 -13.00
N GLY A 213 8.11 19.04 -13.07
CA GLY A 213 7.70 19.99 -12.03
C GLY A 213 6.20 20.18 -11.99
N PRO A 214 5.75 21.02 -11.06
CA PRO A 214 4.31 21.21 -10.81
C PRO A 214 3.48 21.59 -12.03
N GLU A 215 4.06 22.29 -13.00
CA GLU A 215 3.28 22.76 -14.13
C GLU A 215 2.72 21.57 -14.94
N LYS A 216 3.44 20.45 -14.90
CA LYS A 216 3.09 19.25 -15.66
C LYS A 216 2.28 18.24 -14.85
N VAL A 217 2.20 18.47 -13.53
CA VAL A 217 1.38 17.64 -12.62
C VAL A 217 -0.03 18.19 -12.45
N ALA A 218 -0.11 19.51 -12.27
CA ALA A 218 -1.34 20.20 -11.90
C ALA A 218 -2.55 19.96 -12.79
N PRO A 219 -2.36 19.83 -14.10
CA PRO A 219 -3.49 19.61 -15.01
C PRO A 219 -4.33 18.38 -14.63
N LEU A 220 -3.66 17.24 -14.35
CA LEU A 220 -4.33 16.01 -13.93
C LEU A 220 -4.98 16.17 -12.59
N VAL A 221 -4.34 16.92 -11.68
CA VAL A 221 -4.86 17.17 -10.36
C VAL A 221 -6.13 17.99 -10.44
N LEU A 222 -6.13 19.02 -11.27
CA LEU A 222 -7.30 19.87 -11.49
C LEU A 222 -8.40 19.05 -12.09
N TYR A 223 -8.06 18.28 -13.13
CA TYR A 223 -9.05 17.48 -13.79
C TYR A 223 -9.73 16.53 -12.83
N LEU A 224 -8.94 15.90 -11.97
CA LEU A 224 -9.46 14.85 -11.09
C LEU A 224 -10.26 15.49 -9.98
N SER A 225 -10.06 16.80 -9.80
CA SER A 225 -10.70 17.59 -8.78
C SER A 225 -12.00 18.27 -9.23
N SER A 226 -12.40 18.02 -10.47
CA SER A 226 -13.52 18.74 -11.09
C SER A 226 -14.83 17.92 -11.09
N ALA A 227 -15.94 18.61 -11.22
CA ALA A 227 -17.24 17.94 -11.36
C ALA A 227 -17.33 17.07 -12.61
N GLU A 228 -16.62 17.43 -13.68
CA GLU A 228 -16.69 16.66 -14.93
C GLU A 228 -16.06 15.29 -14.78
N ASN A 229 -15.01 15.18 -13.98
CA ASN A 229 -14.35 13.91 -13.69
C ASN A 229 -15.31 12.82 -13.15
N GLU A 230 -15.32 11.68 -13.86
CA GLU A 230 -16.04 10.47 -13.44
C GLU A 230 -15.13 9.38 -12.86
N LEU A 231 -13.82 9.50 -13.05
CA LEU A 231 -12.90 8.49 -12.57
C LEU A 231 -12.81 8.49 -11.03
N THR A 232 -12.82 7.29 -10.44
CA THR A 232 -12.76 7.14 -8.99
C THR A 232 -12.08 5.82 -8.59
N GLY A 233 -11.34 5.86 -7.50
CA GLY A 233 -10.63 4.70 -6.98
C GLY A 233 -9.35 4.39 -7.69
N GLN A 234 -8.85 5.32 -8.51
CA GLN A 234 -7.81 5.02 -9.50
C GLN A 234 -6.48 5.72 -9.19
N PHE A 235 -5.39 5.17 -9.69
CA PHE A 235 -4.04 5.70 -9.48
C PHE A 235 -3.45 6.15 -10.84
N PHE A 236 -2.58 7.16 -10.83
CA PHE A 236 -1.98 7.65 -12.07
C PHE A 236 -0.52 8.04 -11.85
N GLU A 237 0.34 7.61 -12.77
CA GLU A 237 1.71 8.14 -12.92
C GLU A 237 1.70 9.42 -13.78
N VAL A 238 2.56 10.37 -13.42
CA VAL A 238 2.53 11.74 -13.94
C VAL A 238 3.94 12.32 -13.89
N ALA A 239 4.43 12.79 -15.04
CA ALA A 239 5.82 13.21 -15.13
C ALA A 239 6.14 13.82 -16.46
N ALA A 240 6.47 15.11 -16.45
CA ALA A 240 7.07 15.80 -17.60
C ALA A 240 6.29 15.73 -18.91
N GLY A 241 4.98 15.81 -18.83
CA GLY A 241 4.14 15.72 -20.03
C GLY A 241 3.45 14.37 -20.16
N PHE A 242 3.97 13.35 -19.48
CA PHE A 242 3.34 12.03 -19.41
C PHE A 242 2.25 11.90 -18.34
N TYR A 243 1.18 11.17 -18.69
CA TYR A 243 0.07 10.81 -17.79
C TYR A 243 -0.46 9.43 -18.19
N ALA A 244 -0.50 8.51 -17.22
CA ALA A 244 -0.96 7.15 -17.48
C ALA A 244 -1.61 6.57 -16.24
N GLN A 245 -2.70 5.81 -16.46
CA GLN A 245 -3.37 5.19 -15.31
C GLN A 245 -2.56 3.96 -14.95
N ILE A 246 -2.46 3.64 -13.65
CA ILE A 246 -1.81 2.38 -13.28
C ILE A 246 -2.71 1.63 -12.27
N ARG A 247 -2.93 0.35 -12.60
CA ARG A 247 -3.90 -0.52 -11.94
C ARG A 247 -3.26 -1.85 -11.55
N TRP A 248 -3.97 -2.62 -10.72
CA TRP A 248 -3.52 -3.94 -10.30
C TRP A 248 -3.77 -4.95 -11.41
N GLU A 249 -2.79 -5.80 -11.66
CA GLU A 249 -2.99 -7.02 -12.47
C GLU A 249 -2.65 -8.25 -11.64
N ARG A 250 -3.63 -9.12 -11.44
CA ARG A 250 -3.48 -10.27 -10.58
C ARG A 250 -3.44 -11.48 -11.48
N SER A 251 -2.42 -12.33 -11.33
CA SER A 251 -2.25 -13.48 -12.25
C SER A 251 -3.39 -14.51 -12.10
N GLY A 252 -3.63 -15.25 -13.20
CA GLY A 252 -4.67 -16.30 -13.24
C GLY A 252 -4.54 -17.23 -12.04
N GLY A 253 -3.30 -17.64 -11.80
CA GLY A 253 -2.94 -18.35 -10.57
C GLY A 253 -2.99 -19.84 -10.79
N VAL A 254 -2.83 -20.61 -9.70
CA VAL A 254 -2.84 -22.07 -9.74
C VAL A 254 -3.79 -22.59 -8.68
N LEU A 255 -4.38 -23.73 -8.97
CA LEU A 255 -5.19 -24.43 -8.02
C LEU A 255 -4.47 -25.68 -7.49
N PHE A 256 -4.48 -25.85 -6.18
CA PHE A 256 -4.05 -27.09 -5.53
C PHE A 256 -5.27 -27.77 -4.91
N LYS A 257 -5.37 -29.09 -4.98
CA LYS A 257 -6.39 -29.80 -4.20
C LYS A 257 -6.19 -29.44 -2.69
N PRO A 258 -7.23 -28.90 -2.09
CA PRO A 258 -7.11 -28.44 -0.70
C PRO A 258 -7.20 -29.59 0.32
N ASP A 259 -6.28 -30.56 0.23
CA ASP A 259 -6.21 -31.65 1.19
C ASP A 259 -4.76 -31.83 1.68
N GLN A 260 -4.55 -32.94 2.40
CA GLN A 260 -3.28 -33.17 3.14
C GLN A 260 -2.11 -33.14 2.19
N SER A 261 -2.38 -33.44 0.91
CA SER A 261 -1.34 -33.43 -0.11
C SER A 261 -0.87 -32.04 -0.52
N PHE A 262 -1.68 -31.00 -0.28
CA PHE A 262 -1.29 -29.60 -0.42
C PHE A 262 -0.18 -29.19 0.58
N THR A 263 1.07 -29.62 0.26
CA THR A 263 2.23 -29.35 1.12
C THR A 263 3.11 -28.22 0.59
N ALA A 264 4.00 -27.75 1.46
CA ALA A 264 4.94 -26.69 1.14
C ALA A 264 5.82 -27.09 -0.01
N GLU A 265 6.04 -28.41 -0.19
CA GLU A 265 6.85 -28.94 -1.24
C GLU A 265 6.12 -28.88 -2.60
N VAL A 266 4.77 -28.84 -2.57
CA VAL A 266 4.07 -28.82 -3.88
C VAL A 266 4.05 -27.39 -4.41
N VAL A 267 3.89 -26.45 -3.50
CA VAL A 267 4.02 -25.06 -3.82
C VAL A 267 5.41 -24.89 -4.52
N ALA A 268 6.46 -25.33 -3.84
CA ALA A 268 7.84 -25.17 -4.32
C ALA A 268 8.03 -25.82 -5.68
N LYS A 269 7.39 -26.97 -5.85
CA LYS A 269 7.40 -27.62 -7.11
C LYS A 269 6.78 -26.73 -8.20
N ARG A 270 5.67 -26.05 -7.90
CA ARG A 270 4.87 -25.32 -8.89
C ARG A 270 4.95 -23.82 -8.73
N PHE A 271 5.94 -23.34 -7.96
CA PHE A 271 6.02 -21.94 -7.56
C PHE A 271 5.97 -20.94 -8.71
N SER A 272 6.71 -21.24 -9.75
CA SER A 272 6.83 -20.38 -10.93
C SER A 272 5.51 -20.16 -11.63
N GLU A 273 4.63 -21.18 -11.58
CA GLU A 273 3.29 -21.06 -12.16
C GLU A 273 2.51 -19.92 -11.51
N ILE A 274 2.71 -19.69 -10.21
CA ILE A 274 2.02 -18.61 -9.53
C ILE A 274 2.32 -17.25 -10.18
N LEU A 275 3.62 -17.00 -10.46
CA LEU A 275 4.06 -15.70 -10.99
C LEU A 275 4.01 -15.63 -12.55
N ASP A 276 3.35 -16.59 -13.17
CA ASP A 276 3.30 -16.70 -14.63
C ASP A 276 2.04 -16.08 -15.29
N TYR A 277 2.23 -15.06 -16.12
CA TYR A 277 1.13 -14.18 -16.55
C TYR A 277 0.68 -14.54 -17.94
N ASP A 278 1.30 -15.58 -18.50
CA ASP A 278 0.83 -16.18 -19.73
C ASP A 278 -0.35 -17.06 -19.33
N ASP A 279 -1.55 -16.58 -19.64
CA ASP A 279 -2.76 -17.32 -19.29
C ASP A 279 -3.50 -17.83 -20.51
N SER A 280 -2.80 -17.89 -21.66
CA SER A 280 -3.40 -18.29 -22.92
C SER A 280 -4.21 -19.57 -22.74
N ARG A 281 -3.56 -20.60 -22.16
CA ARG A 281 -4.05 -22.01 -22.22
C ARG A 281 -4.87 -22.38 -20.99
N LYS A 282 -4.98 -21.44 -20.04
CA LYS A 282 -5.78 -21.64 -18.86
C LYS A 282 -7.26 -21.40 -19.18
N PRO A 283 -8.16 -21.94 -18.35
CA PRO A 283 -9.60 -21.69 -18.51
C PRO A 283 -10.02 -20.32 -17.96
N GLU A 284 -11.32 -19.99 -18.04
CA GLU A 284 -11.81 -18.64 -17.77
C GLU A 284 -11.65 -18.19 -16.31
N TYR A 285 -11.81 -19.13 -15.37
CA TYR A 285 -11.74 -18.79 -13.94
C TYR A 285 -10.29 -18.61 -13.46
N LEU A 286 -9.32 -19.02 -14.28
CA LEU A 286 -7.91 -18.75 -14.01
C LEU A 286 -7.20 -17.90 -15.07
N LYS A 287 -7.92 -17.03 -15.75
CA LYS A 287 -7.27 -15.99 -16.55
C LYS A 287 -6.85 -14.83 -15.63
N ASN A 288 -5.73 -14.21 -15.97
CA ASN A 288 -5.35 -12.91 -15.46
C ASN A 288 -6.55 -12.00 -15.27
N GLN A 289 -6.58 -11.28 -14.15
CA GLN A 289 -7.60 -10.29 -13.90
C GLN A 289 -6.99 -8.92 -13.63
N TYR A 290 -7.85 -7.91 -13.68
CA TYR A 290 -7.52 -6.55 -13.35
C TYR A 290 -8.53 -6.13 -12.25
N PRO A 291 -8.29 -6.62 -11.02
CA PRO A 291 -9.33 -6.70 -9.99
C PRO A 291 -9.66 -5.43 -9.27
N PHE A 292 -10.76 -5.43 -8.52
CA PHE A 292 -11.16 -4.35 -7.59
C PHE A 292 -11.61 -4.94 -6.25
N MET A 293 -11.34 -6.22 -6.04
CA MET A 293 -11.70 -6.91 -4.80
C MET A 293 -11.07 -8.31 -4.80
N LEU A 294 -11.16 -9.04 -3.69
CA LEU A 294 -10.61 -10.38 -3.67
C LEU A 294 -11.23 -11.26 -4.79
N ASN A 295 -10.56 -12.37 -5.04
CA ASN A 295 -10.94 -13.28 -6.11
C ASN A 295 -12.25 -14.00 -5.78
N ASP A 296 -12.83 -14.63 -6.81
CA ASP A 296 -14.03 -15.44 -6.70
C ASP A 296 -13.68 -16.77 -6.04
N TYR A 297 -13.47 -16.75 -4.73
CA TYR A 297 -12.96 -17.93 -4.04
C TYR A 297 -13.93 -19.13 -4.09
N ALA A 298 -15.24 -18.87 -4.23
CA ALA A 298 -16.22 -19.93 -4.22
C ALA A 298 -16.06 -20.78 -5.47
N THR A 299 -15.91 -20.14 -6.62
CA THR A 299 -15.57 -20.84 -7.87
C THR A 299 -14.23 -21.51 -7.74
N LEU A 300 -13.22 -20.83 -7.20
CA LEU A 300 -11.86 -21.38 -7.23
C LEU A 300 -11.72 -22.67 -6.41
N THR A 301 -12.22 -22.66 -5.19
CA THR A 301 -12.10 -23.81 -4.30
C THR A 301 -12.97 -24.93 -4.79
N ASN A 302 -14.11 -24.55 -5.37
CA ASN A 302 -14.98 -25.52 -6.00
C ASN A 302 -14.18 -26.32 -7.05
N GLU A 303 -13.45 -25.62 -7.93
CA GLU A 303 -12.63 -26.28 -8.94
C GLU A 303 -11.44 -27.01 -8.36
N ALA A 304 -10.88 -26.48 -7.28
CA ALA A 304 -9.68 -27.10 -6.70
C ALA A 304 -10.04 -28.45 -6.12
N ARG A 305 -11.26 -28.58 -5.63
CA ARG A 305 -11.72 -29.79 -4.96
C ARG A 305 -12.06 -30.90 -5.91
N LYS A 306 -12.15 -30.61 -7.20
CA LYS A 306 -12.33 -31.61 -8.27
C LYS A 306 -11.02 -32.24 -8.70
N LEU A 307 -9.91 -31.60 -8.33
CA LEU A 307 -8.59 -32.04 -8.79
C LEU A 307 -8.17 -33.36 -8.12
N PRO A 308 -7.28 -34.12 -8.75
CA PRO A 308 -6.66 -35.27 -8.08
C PRO A 308 -5.64 -34.81 -7.06
N ALA A 309 -5.03 -35.73 -6.33
CA ALA A 309 -4.13 -35.32 -5.23
C ALA A 309 -2.90 -34.60 -5.79
N ASN A 310 -2.44 -33.61 -5.04
CA ASN A 310 -1.23 -32.87 -5.41
C ASN A 310 -0.06 -33.83 -5.47
N ASP A 311 0.59 -33.83 -6.61
CA ASP A 311 1.76 -34.64 -6.83
C ASP A 311 2.99 -33.84 -6.35
N ALA A 312 3.62 -34.38 -5.28
CA ALA A 312 4.92 -33.88 -4.81
C ALA A 312 6.20 -34.62 -5.42
N SER A 313 6.02 -35.46 -6.42
CA SER A 313 7.18 -36.18 -7.00
C SER A 313 8.17 -35.21 -7.78
N GLY A 314 9.47 -35.41 -7.62
CA GLY A 314 10.46 -34.31 -7.95
C GLY A 314 10.46 -32.97 -7.14
N ALA A 315 9.61 -32.81 -6.13
CA ALA A 315 9.57 -31.54 -5.40
C ALA A 315 10.92 -31.28 -4.73
N PRO A 316 11.36 -30.00 -4.74
CA PRO A 316 12.44 -29.52 -3.88
C PRO A 316 12.22 -29.96 -2.45
N THR A 317 13.30 -30.28 -1.74
CA THR A 317 13.23 -30.41 -0.27
C THR A 317 12.84 -29.07 0.31
N VAL A 318 11.92 -29.11 1.29
CA VAL A 318 11.58 -27.98 2.15
C VAL A 318 11.79 -28.39 3.58
N SER A 319 12.69 -27.66 4.27
CA SER A 319 12.98 -27.88 5.67
C SER A 319 13.42 -26.55 6.28
N LEU A 320 12.81 -26.21 7.41
CA LEU A 320 13.23 -25.05 8.20
C LEU A 320 13.95 -25.52 9.48
N LYS A 321 14.73 -26.61 9.38
CA LYS A 321 15.44 -27.16 10.53
C LYS A 321 16.52 -26.21 11.02
N ASP A 322 16.50 -25.96 12.33
CA ASP A 322 17.39 -25.02 12.99
C ASP A 322 17.29 -23.61 12.38
N LYS A 323 16.09 -23.22 11.96
CA LYS A 323 15.77 -21.82 11.69
C LYS A 323 14.86 -21.33 12.84
N VAL A 324 15.10 -20.12 13.32
CA VAL A 324 14.31 -19.54 14.41
C VAL A 324 13.27 -18.65 13.76
N VAL A 325 12.00 -19.04 13.87
CA VAL A 325 10.89 -18.25 13.37
C VAL A 325 10.26 -17.44 14.51
N LEU A 326 10.02 -16.15 14.31
CA LEU A 326 9.22 -15.32 15.21
C LEU A 326 7.96 -14.94 14.47
N ILE A 327 6.81 -15.30 15.03
CA ILE A 327 5.49 -15.03 14.45
C ILE A 327 4.63 -14.32 15.49
N THR A 328 3.97 -13.25 15.08
CA THR A 328 3.19 -12.42 16.02
C THR A 328 1.70 -12.65 15.81
N GLY A 329 0.92 -12.47 16.89
CA GLY A 329 -0.52 -12.72 16.91
C GLY A 329 -0.87 -14.16 16.59
N ALA A 330 -0.11 -15.09 17.17
CA ALA A 330 -0.17 -16.51 16.84
C ALA A 330 -0.69 -17.33 18.02
N GLY A 331 -1.22 -16.67 19.03
CA GLY A 331 -1.80 -17.34 20.19
C GLY A 331 -3.10 -18.08 19.85
N ALA A 332 -3.79 -17.61 18.81
CA ALA A 332 -5.07 -18.18 18.37
C ALA A 332 -5.27 -18.15 16.84
N GLY A 333 -6.40 -18.68 16.41
CA GLY A 333 -6.90 -18.48 15.07
C GLY A 333 -5.92 -18.89 13.99
N LEU A 334 -5.78 -18.01 13.00
CA LEU A 334 -4.99 -18.32 11.82
C LEU A 334 -3.53 -18.39 12.18
N GLY A 335 -3.07 -17.45 13.00
CA GLY A 335 -1.68 -17.34 13.37
C GLY A 335 -1.19 -18.58 14.13
N LYS A 336 -2.01 -19.05 15.06
CA LYS A 336 -1.76 -20.30 15.78
C LYS A 336 -1.43 -21.44 14.81
N GLU A 337 -2.27 -21.61 13.80
CA GLU A 337 -2.08 -22.69 12.79
C GLU A 337 -0.83 -22.46 11.95
N TYR A 338 -0.56 -21.20 11.62
CA TYR A 338 0.61 -20.88 10.78
C TYR A 338 1.87 -21.36 11.49
N ALA A 339 1.94 -21.01 12.77
CA ALA A 339 3.04 -21.38 13.64
C ALA A 339 3.26 -22.89 13.68
N LYS A 340 2.16 -23.64 13.76
CA LYS A 340 2.23 -25.08 13.91
C LYS A 340 2.80 -25.66 12.62
N TRP A 341 2.56 -25.00 11.50
CA TRP A 341 3.17 -25.38 10.24
C TRP A 341 4.66 -25.07 10.28
N PHE A 342 5.05 -23.93 10.87
CA PHE A 342 6.47 -23.55 10.86
C PHE A 342 7.28 -24.50 11.72
N ALA A 343 6.65 -24.92 12.81
CA ALA A 343 7.27 -25.85 13.75
C ALA A 343 7.35 -27.27 13.18
N LYS A 344 6.36 -27.67 12.38
CA LYS A 344 6.31 -29.04 11.86
C LYS A 344 7.35 -29.21 10.74
N TYR A 345 7.71 -28.09 10.10
CA TYR A 345 8.82 -28.06 9.18
C TYR A 345 10.19 -27.89 9.85
N GLY A 346 10.23 -27.91 11.17
CA GLY A 346 11.47 -28.04 11.91
C GLY A 346 12.00 -26.78 12.59
N ALA A 347 11.30 -25.66 12.46
CA ALA A 347 11.75 -24.39 13.06
C ALA A 347 11.47 -24.30 14.56
N LYS A 348 12.36 -23.60 15.28
CA LYS A 348 12.11 -23.24 16.68
C LYS A 348 11.28 -21.96 16.63
N VAL A 349 10.02 -22.04 17.03
CA VAL A 349 9.07 -20.96 16.80
C VAL A 349 8.80 -20.14 18.09
N VAL A 350 9.22 -18.89 18.09
CA VAL A 350 8.76 -17.99 19.14
C VAL A 350 7.37 -17.49 18.75
N VAL A 351 6.39 -17.89 19.53
CA VAL A 351 5.02 -17.52 19.28
C VAL A 351 4.71 -16.29 20.15
N ASN A 352 4.63 -15.12 19.51
CA ASN A 352 4.11 -13.91 20.09
C ASN A 352 2.58 -13.85 20.07
N ASP A 353 1.99 -13.40 21.18
CA ASP A 353 0.59 -13.01 21.23
C ASP A 353 0.33 -12.06 22.41
N PHE A 354 -0.44 -11.00 22.19
CA PHE A 354 -0.71 -10.01 23.26
C PHE A 354 -1.48 -10.63 24.44
N LYS A 355 -2.49 -11.44 24.13
CA LYS A 355 -3.27 -12.16 25.15
C LYS A 355 -2.57 -13.42 25.68
N ASP A 356 -2.40 -14.44 24.80
CA ASP A 356 -1.94 -15.77 25.20
C ASP A 356 -1.26 -16.61 24.11
N ALA A 357 0.03 -16.86 24.32
CA ALA A 357 0.84 -17.67 23.42
C ALA A 357 0.98 -19.14 23.88
N THR A 358 0.57 -19.40 25.10
CA THR A 358 0.70 -20.68 25.79
C THR A 358 0.09 -21.89 25.04
N LYS A 359 -1.14 -21.72 24.57
CA LYS A 359 -1.93 -22.81 23.97
C LYS A 359 -1.29 -23.22 22.65
N THR A 360 -0.78 -22.24 21.89
CA THR A 360 -0.08 -22.55 20.64
C THR A 360 1.21 -23.30 20.99
N VAL A 361 1.95 -22.80 21.99
CA VAL A 361 3.20 -23.44 22.41
C VAL A 361 2.98 -24.86 22.89
N ASP A 362 1.95 -25.06 23.71
CA ASP A 362 1.65 -26.39 24.22
C ASP A 362 1.34 -27.33 23.08
N GLU A 363 0.48 -26.91 22.16
CA GLU A 363 0.11 -27.73 21.00
C GLU A 363 1.30 -28.05 20.07
N ILE A 364 2.21 -27.09 19.93
CA ILE A 364 3.39 -27.29 19.11
C ILE A 364 4.23 -28.37 19.73
N LYS A 365 4.39 -28.32 21.04
CA LYS A 365 5.28 -29.22 21.76
C LYS A 365 4.67 -30.59 21.94
N ALA A 366 3.34 -30.65 22.02
CA ALA A 366 2.67 -31.92 22.09
C ALA A 366 2.84 -32.74 20.82
N ALA A 367 3.16 -32.08 19.69
CA ALA A 367 3.45 -32.73 18.40
C ALA A 367 4.94 -32.95 18.14
N GLY A 368 5.76 -32.74 19.17
CA GLY A 368 7.19 -33.01 19.04
C GLY A 368 7.99 -31.86 18.44
N GLY A 369 7.36 -30.70 18.32
CA GLY A 369 8.04 -29.50 17.85
C GLY A 369 8.57 -28.63 19.00
N GLU A 370 9.36 -27.62 18.63
CA GLU A 370 9.96 -26.72 19.62
C GLU A 370 9.38 -25.33 19.40
N ALA A 371 8.84 -24.76 20.47
CA ALA A 371 8.32 -23.38 20.47
C ALA A 371 8.51 -22.75 21.84
N TRP A 372 8.43 -21.43 21.88
CA TRP A 372 8.67 -20.63 23.08
C TRP A 372 7.72 -19.42 23.08
N PRO A 373 7.14 -19.09 24.24
CA PRO A 373 6.15 -18.01 24.32
C PRO A 373 6.76 -16.60 24.35
N ASP A 374 6.00 -15.66 23.82
CA ASP A 374 6.21 -14.24 24.06
C ASP A 374 4.86 -13.54 24.12
N GLN A 375 4.70 -12.66 25.07
CA GLN A 375 3.41 -12.00 25.29
C GLN A 375 3.54 -10.48 25.37
N HIS A 376 4.52 -9.93 24.67
CA HIS A 376 4.71 -8.50 24.63
C HIS A 376 3.86 -7.88 23.52
N ASP A 377 3.57 -6.60 23.65
CA ASP A 377 2.84 -5.89 22.60
C ASP A 377 3.82 -5.47 21.53
N VAL A 378 3.46 -5.68 20.27
CA VAL A 378 4.44 -5.55 19.21
C VAL A 378 4.89 -4.08 19.06
N ALA A 379 3.91 -3.22 18.81
CA ALA A 379 4.18 -1.78 18.63
C ALA A 379 5.02 -1.23 19.78
N LYS A 380 4.62 -1.57 21.00
CA LYS A 380 5.25 -1.03 22.20
C LYS A 380 6.63 -1.64 22.51
N ASP A 381 6.76 -2.96 22.34
CA ASP A 381 7.87 -3.71 22.96
C ASP A 381 8.73 -4.47 21.98
N SER A 382 8.89 -3.98 20.77
CA SER A 382 9.68 -4.73 19.81
C SER A 382 11.07 -5.10 20.33
N GLU A 383 11.66 -4.23 21.14
CA GLU A 383 12.95 -4.49 21.77
C GLU A 383 12.88 -5.72 22.67
N ALA A 384 11.91 -5.76 23.58
CA ALA A 384 11.74 -6.90 24.49
C ALA A 384 11.42 -8.23 23.76
N ILE A 385 10.81 -8.16 22.59
CA ILE A 385 10.48 -9.37 21.83
C ILE A 385 11.76 -9.89 21.17
N ILE A 386 12.57 -8.99 20.64
CA ILE A 386 13.82 -9.40 20.02
C ILE A 386 14.79 -9.96 21.05
N LYS A 387 14.84 -9.36 22.24
CA LYS A 387 15.69 -9.88 23.30
C LYS A 387 15.20 -11.27 23.71
N ASN A 388 13.88 -11.41 23.86
CA ASN A 388 13.29 -12.69 24.24
C ASN A 388 13.73 -13.80 23.29
N VAL A 389 13.64 -13.53 21.98
CA VAL A 389 14.06 -14.47 20.94
C VAL A 389 15.55 -14.80 21.09
N ILE A 390 16.40 -13.78 21.24
CA ILE A 390 17.84 -13.99 21.27
C ILE A 390 18.28 -14.71 22.56
N ASP A 391 17.77 -14.27 23.71
CA ASP A 391 18.02 -14.95 24.99
C ASP A 391 17.79 -16.46 24.88
N LYS A 392 16.72 -16.84 24.16
CA LYS A 392 16.28 -18.22 24.12
C LYS A 392 17.02 -19.06 23.07
N TYR A 393 16.98 -18.63 21.81
CA TYR A 393 17.51 -19.42 20.68
C TYR A 393 18.81 -18.87 20.05
N GLY A 394 19.25 -17.71 20.52
CA GLY A 394 20.54 -17.12 20.16
C GLY A 394 20.53 -16.31 18.87
N THR A 395 19.46 -16.40 18.11
CA THR A 395 19.39 -15.77 16.79
C THR A 395 17.95 -15.71 16.28
N ILE A 396 17.79 -15.19 15.06
CA ILE A 396 16.50 -15.11 14.37
C ILE A 396 16.72 -15.19 12.86
N ASP A 397 15.90 -16.01 12.18
CA ASP A 397 16.02 -16.22 10.75
C ASP A 397 14.80 -15.79 9.96
N ILE A 398 13.61 -16.00 10.56
CA ILE A 398 12.34 -15.77 9.90
C ILE A 398 11.43 -14.94 10.76
N LEU A 399 10.89 -13.88 10.16
CA LEU A 399 9.94 -13.03 10.84
C LEU A 399 8.65 -13.03 10.04
N VAL A 400 7.58 -13.50 10.65
CA VAL A 400 6.26 -13.49 10.04
C VAL A 400 5.39 -12.47 10.83
N ASN A 401 5.21 -11.25 10.31
CA ASN A 401 4.48 -10.17 11.05
C ASN A 401 2.97 -10.26 10.83
N ASN A 402 2.31 -11.02 11.70
CA ASN A 402 0.91 -11.41 11.51
C ASN A 402 -0.03 -10.74 12.49
N ALA A 403 0.51 -10.07 13.50
CA ALA A 403 -0.30 -9.45 14.57
C ALA A 403 -1.42 -8.61 13.97
N GLY A 404 -2.57 -8.65 14.62
CA GLY A 404 -3.71 -7.95 14.09
C GLY A 404 -4.81 -7.68 15.07
N ILE A 405 -5.57 -6.63 14.76
CA ILE A 405 -6.90 -6.39 15.30
C ILE A 405 -7.77 -5.82 14.18
N LEU A 406 -9.08 -5.80 14.41
CA LEU A 406 -10.03 -5.21 13.47
C LEU A 406 -10.88 -4.22 14.23
N ARG A 407 -10.94 -2.98 13.73
CA ARG A 407 -11.85 -1.95 14.28
C ARG A 407 -12.62 -1.34 13.11
N ASP A 408 -13.56 -2.12 12.57
CA ASP A 408 -14.37 -1.76 11.42
C ASP A 408 -15.44 -0.69 11.76
N ARG A 409 -15.61 0.28 10.85
CA ARG A 409 -16.56 1.37 11.00
C ARG A 409 -16.69 2.13 9.67
N SER A 410 -17.90 2.58 9.33
CA SER A 410 -18.04 3.52 8.21
C SER A 410 -17.08 4.69 8.44
N PHE A 411 -16.60 5.30 7.35
CA PHE A 411 -15.62 6.38 7.41
C PHE A 411 -16.21 7.61 8.11
N ALA A 412 -17.52 7.82 7.96
CA ALA A 412 -18.25 8.92 8.62
C ALA A 412 -18.26 8.82 10.15
N LYS A 413 -18.26 7.59 10.66
CA LYS A 413 -18.31 7.36 12.12
C LYS A 413 -16.96 6.89 12.68
N MET A 414 -15.97 6.61 11.84
CA MET A 414 -14.67 6.15 12.36
C MET A 414 -14.06 7.19 13.29
N SER A 415 -13.69 6.76 14.49
CA SER A 415 -13.07 7.64 15.48
C SER A 415 -11.55 7.59 15.30
N LYS A 416 -10.86 8.55 15.89
CA LYS A 416 -9.40 8.59 15.85
C LYS A 416 -8.77 7.38 16.56
N GLN A 417 -9.41 6.93 17.64
CA GLN A 417 -8.94 5.79 18.44
C GLN A 417 -8.97 4.56 17.54
N GLU A 418 -10.09 4.37 16.84
CA GLU A 418 -10.25 3.23 15.90
C GLU A 418 -9.24 3.28 14.77
N TRP A 419 -8.88 4.49 14.34
CA TRP A 419 -7.92 4.68 13.26
C TRP A 419 -6.51 4.30 13.69
N ASP A 420 -6.14 4.74 14.87
CA ASP A 420 -4.76 4.69 15.32
C ASP A 420 -4.39 3.30 15.79
N SER A 421 -5.28 2.70 16.60
CA SER A 421 -4.99 1.41 17.19
C SER A 421 -4.80 0.38 16.12
N VAL A 422 -5.63 0.42 15.10
CA VAL A 422 -5.43 -0.46 13.96
C VAL A 422 -4.05 -0.16 13.38
N GLN A 423 -3.71 1.11 13.19
CA GLN A 423 -2.44 1.53 12.57
C GLN A 423 -1.22 1.08 13.37
N GLN A 424 -1.37 1.14 14.69
CA GLN A 424 -0.29 0.86 15.62
C GLN A 424 0.09 -0.61 15.54
N VAL A 425 -0.92 -1.47 15.47
CA VAL A 425 -0.69 -2.90 15.45
C VAL A 425 -0.12 -3.34 14.11
N HIS A 426 -0.80 -3.01 13.01
CA HIS A 426 -0.49 -3.53 11.69
C HIS A 426 0.73 -2.89 11.06
N LEU A 427 0.76 -1.57 11.03
CA LEU A 427 1.79 -0.85 10.27
C LEU A 427 3.01 -0.53 11.11
N ILE A 428 2.78 0.13 12.23
CA ILE A 428 3.86 0.59 13.07
C ILE A 428 4.56 -0.62 13.65
N GLY A 429 3.78 -1.58 14.12
CA GLY A 429 4.33 -2.73 14.81
C GLY A 429 5.20 -3.54 13.89
N THR A 430 4.75 -3.71 12.64
CA THR A 430 5.51 -4.43 11.64
C THR A 430 6.85 -3.76 11.37
N PHE A 431 6.86 -2.44 11.31
CA PHE A 431 8.11 -1.74 11.07
C PHE A 431 9.08 -1.89 12.26
N ASN A 432 8.58 -1.57 13.46
CA ASN A 432 9.39 -1.53 14.69
C ASN A 432 10.02 -2.84 15.05
N LEU A 433 9.25 -3.90 14.93
CA LEU A 433 9.79 -5.25 15.04
C LEU A 433 10.79 -5.54 13.92
N SER A 434 10.43 -5.25 12.67
CA SER A 434 11.31 -5.53 11.51
C SER A 434 12.67 -4.85 11.64
N ARG A 435 12.65 -3.65 12.21
CA ARG A 435 13.81 -2.79 12.36
C ARG A 435 14.81 -3.36 13.35
N LEU A 436 14.31 -4.10 14.34
CA LEU A 436 15.15 -4.64 15.40
C LEU A 436 15.61 -6.05 15.08
N ALA A 437 14.83 -6.78 14.31
CA ALA A 437 15.31 -8.04 13.72
C ALA A 437 16.43 -7.79 12.72
N TRP A 438 16.36 -6.67 12.02
CA TRP A 438 17.15 -6.42 10.79
C TRP A 438 18.67 -6.61 10.94
N PRO A 439 19.29 -5.98 11.94
CA PRO A 439 20.76 -6.05 12.10
C PRO A 439 21.28 -7.48 12.32
N TYR A 440 20.46 -8.34 12.91
CA TYR A 440 20.80 -9.77 13.06
C TYR A 440 20.81 -10.48 11.71
N PHE A 441 19.78 -10.21 10.91
CA PHE A 441 19.68 -10.75 9.57
C PHE A 441 20.88 -10.35 8.69
N VAL A 442 21.24 -9.07 8.69
CA VAL A 442 22.33 -8.58 7.84
C VAL A 442 23.69 -9.12 8.32
N GLU A 443 23.84 -9.30 9.63
CA GLU A 443 25.09 -9.75 10.23
C GLU A 443 25.40 -11.18 9.80
N LYS A 444 24.37 -12.00 9.68
CA LYS A 444 24.51 -13.40 9.27
C LYS A 444 24.18 -13.60 7.80
N GLN A 445 23.88 -12.50 7.10
CA GLN A 445 23.47 -12.53 5.70
C GLN A 445 22.41 -13.61 5.45
N PHE A 446 21.39 -13.58 6.30
CA PHE A 446 20.17 -14.32 6.08
C PHE A 446 18.99 -13.66 6.80
N GLY A 447 17.87 -13.58 6.10
CA GLY A 447 16.62 -13.17 6.72
C GLY A 447 15.45 -13.44 5.78
N ARG A 448 14.33 -13.88 6.32
CA ARG A 448 13.16 -14.13 5.51
C ARG A 448 11.99 -13.47 6.23
N ILE A 449 11.53 -12.37 5.67
CA ILE A 449 10.42 -11.64 6.26
C ILE A 449 9.16 -11.89 5.45
N ILE A 450 8.09 -12.22 6.16
CA ILE A 450 6.83 -12.55 5.56
C ILE A 450 5.81 -11.62 6.21
N ASN A 451 5.37 -10.62 5.46
CA ASN A 451 4.43 -9.67 6.02
C ASN A 451 3.04 -10.01 5.50
N ILE A 452 2.05 -9.86 6.39
CA ILE A 452 0.65 -10.15 6.06
C ILE A 452 -0.06 -8.86 5.67
N THR A 453 -0.42 -8.77 4.39
CA THR A 453 -1.25 -7.69 3.86
C THR A 453 -2.69 -8.22 3.76
N SER A 454 -3.49 -7.59 2.91
CA SER A 454 -4.90 -7.91 2.81
C SER A 454 -5.43 -7.42 1.49
N THR A 455 -6.42 -8.11 0.97
CA THR A 455 -7.11 -7.64 -0.23
C THR A 455 -7.85 -6.31 0.10
N SER A 456 -8.21 -6.13 1.38
CA SER A 456 -8.77 -4.84 1.86
C SER A 456 -7.79 -3.62 1.85
N GLY A 457 -6.50 -3.92 2.05
CA GLY A 457 -5.44 -2.94 1.78
C GLY A 457 -5.13 -2.73 0.28
N ILE A 458 -5.12 -3.81 -0.53
CA ILE A 458 -4.75 -3.74 -1.96
C ILE A 458 -5.83 -3.07 -2.79
N TYR A 459 -7.05 -3.61 -2.72
CA TYR A 459 -8.20 -3.06 -3.47
C TYR A 459 -9.11 -2.02 -2.71
N GLY A 460 -8.88 -1.82 -1.43
CA GLY A 460 -9.80 -0.99 -0.61
C GLY A 460 -11.11 -1.71 -0.34
N ASN A 461 -11.86 -1.26 0.65
CA ASN A 461 -13.06 -1.96 1.12
C ASN A 461 -13.88 -1.07 2.08
N PHE A 462 -15.16 -0.83 1.79
CA PHE A 462 -15.96 0.08 2.62
C PHE A 462 -16.09 -0.45 4.04
N GLY A 463 -16.01 0.44 5.00
CA GLY A 463 -16.09 0.10 6.41
C GLY A 463 -14.76 -0.25 7.02
N GLN A 464 -13.68 -0.14 6.24
CA GLN A 464 -12.36 -0.58 6.70
C GLN A 464 -11.26 0.40 6.32
N ALA A 465 -11.55 1.71 6.36
CA ALA A 465 -10.58 2.72 5.94
C ALA A 465 -9.26 2.62 6.69
N ASN A 466 -9.35 2.36 7.99
CA ASN A 466 -8.18 2.13 8.85
C ASN A 466 -7.44 0.82 8.54
N TYR A 467 -8.17 -0.29 8.56
CA TYR A 467 -7.54 -1.60 8.26
C TYR A 467 -6.89 -1.57 6.90
N SER A 468 -7.59 -0.97 5.93
CA SER A 468 -7.18 -1.05 4.50
C SER A 468 -5.95 -0.17 4.23
N SER A 469 -5.97 1.06 4.79
CA SER A 469 -4.86 2.00 4.68
C SER A 469 -3.58 1.40 5.26
N SER A 470 -3.72 0.71 6.38
CA SER A 470 -2.58 0.17 7.13
C SER A 470 -1.97 -1.01 6.42
N LYS A 471 -2.81 -1.94 6.02
CA LYS A 471 -2.37 -3.09 5.26
C LYS A 471 -1.80 -2.67 3.90
N ALA A 472 -2.24 -1.54 3.36
CA ALA A 472 -1.66 -1.01 2.11
C ALA A 472 -0.33 -0.32 2.45
N GLY A 473 -0.17 0.16 3.69
CA GLY A 473 1.12 0.67 4.16
C GLY A 473 2.19 -0.44 4.02
N ILE A 474 1.74 -1.66 4.31
CA ILE A 474 2.59 -2.83 4.30
C ILE A 474 3.23 -3.09 2.94
N LEU A 475 2.52 -2.79 1.85
CA LEU A 475 3.05 -3.00 0.52
C LEU A 475 4.30 -2.18 0.30
N GLY A 476 4.20 -0.87 0.61
CA GLY A 476 5.31 0.06 0.43
C GLY A 476 6.52 -0.28 1.31
N LEU A 477 6.22 -0.60 2.55
CA LEU A 477 7.21 -0.98 3.54
C LEU A 477 7.98 -2.19 3.09
N SER A 478 7.24 -3.26 2.80
CA SER A 478 7.79 -4.53 2.39
C SER A 478 8.72 -4.41 1.19
N LYS A 479 8.21 -3.75 0.16
CA LYS A 479 8.92 -3.53 -1.09
C LYS A 479 10.25 -2.79 -0.91
N THR A 480 10.26 -1.81 -0.02
CA THR A 480 11.45 -1.06 0.33
C THR A 480 12.45 -2.01 0.96
N MET A 481 11.97 -2.72 1.99
CA MET A 481 12.80 -3.63 2.77
C MET A 481 13.38 -4.75 1.93
N ALA A 482 12.70 -5.06 0.81
CA ALA A 482 13.17 -6.05 -0.16
C ALA A 482 14.33 -5.52 -1.01
N ILE A 483 14.23 -4.23 -1.34
CA ILE A 483 15.27 -3.54 -2.10
C ILE A 483 16.55 -3.50 -1.27
N GLU A 484 16.39 -3.05 -0.03
CA GLU A 484 17.55 -2.90 0.85
C GLU A 484 18.14 -4.24 1.30
N GLY A 485 17.27 -5.23 1.48
CA GLY A 485 17.71 -6.54 1.92
C GLY A 485 18.49 -7.37 0.91
N ALA A 486 18.24 -7.14 -0.38
CA ALA A 486 18.71 -8.06 -1.44
C ALA A 486 20.17 -8.46 -1.29
N LYS A 487 21.05 -7.46 -1.09
CA LYS A 487 22.50 -7.70 -1.10
C LYS A 487 22.99 -8.52 0.11
N ASN A 488 22.23 -8.47 1.21
CA ASN A 488 22.52 -9.25 2.41
C ASN A 488 21.67 -10.54 2.54
N ASN A 489 21.17 -11.02 1.38
CA ASN A 489 20.32 -12.20 1.31
C ASN A 489 19.15 -12.11 2.30
N ILE A 490 18.47 -10.95 2.33
CA ILE A 490 17.23 -10.80 3.11
C ILE A 490 16.09 -10.56 2.16
N LYS A 491 15.16 -11.52 2.14
CA LYS A 491 14.03 -11.52 1.23
C LYS A 491 12.76 -11.28 1.99
N VAL A 492 11.90 -10.45 1.42
CA VAL A 492 10.69 -10.04 2.11
C VAL A 492 9.57 -10.09 1.11
N ASN A 493 8.56 -10.87 1.46
CA ASN A 493 7.43 -11.09 0.59
C ASN A 493 6.13 -10.82 1.32
N ILE A 494 5.08 -10.60 0.53
CA ILE A 494 3.81 -10.07 1.03
C ILE A 494 2.70 -11.01 0.64
N VAL A 495 1.75 -11.22 1.56
CA VAL A 495 0.72 -12.25 1.41
C VAL A 495 -0.65 -11.78 1.90
N ALA A 496 -1.66 -11.95 1.05
CA ALA A 496 -3.04 -11.54 1.38
C ALA A 496 -3.90 -12.78 1.41
N PRO A 497 -4.00 -13.42 2.57
CA PRO A 497 -4.77 -14.66 2.69
C PRO A 497 -6.26 -14.45 2.80
N HIS A 498 -7.00 -15.41 2.28
CA HIS A 498 -8.43 -15.52 2.53
C HIS A 498 -8.63 -16.85 3.22
N ALA A 499 -8.97 -16.73 4.50
CA ALA A 499 -9.11 -17.87 5.38
C ALA A 499 -9.94 -17.46 6.59
N GLU A 500 -10.76 -18.37 7.08
CA GLU A 500 -11.58 -18.16 8.29
C GLU A 500 -11.32 -19.28 9.32
N THR A 501 -11.79 -19.07 10.56
CA THR A 501 -11.54 -20.02 11.65
C THR A 501 -12.81 -20.69 12.21
N ALA A 502 -13.57 -19.99 13.05
CA ALA A 502 -14.84 -20.54 13.58
C ALA A 502 -15.74 -19.46 14.17
N MET A 503 -15.47 -18.20 13.85
CA MET A 503 -15.91 -17.09 14.68
C MET A 503 -15.51 -15.75 14.06
N LYS A 513 -18.73 -27.43 5.72
CA LYS A 513 -17.44 -27.30 6.39
C LYS A 513 -16.71 -26.02 5.99
N ASN A 514 -15.56 -25.79 6.62
CA ASN A 514 -14.67 -24.67 6.32
C ASN A 514 -13.91 -24.88 5.00
N LEU A 515 -14.32 -24.15 3.97
CA LEU A 515 -13.70 -24.25 2.64
C LEU A 515 -12.39 -23.45 2.53
N TYR A 516 -12.19 -22.50 3.44
CA TYR A 516 -11.01 -21.65 3.48
C TYR A 516 -10.20 -21.79 4.79
N HIS A 517 -9.63 -22.97 5.00
CA HIS A 517 -8.73 -23.23 6.12
C HIS A 517 -7.38 -22.49 6.05
N ALA A 518 -6.75 -22.35 7.21
CA ALA A 518 -5.41 -21.79 7.36
C ALA A 518 -4.39 -22.74 6.79
N ASP A 519 -4.74 -24.03 6.73
CA ASP A 519 -3.95 -25.05 6.01
C ASP A 519 -3.77 -24.76 4.52
N GLN A 520 -4.69 -23.98 3.95
CA GLN A 520 -4.62 -23.62 2.52
C GLN A 520 -3.78 -22.37 2.25
N VAL A 521 -3.22 -21.80 3.32
CA VAL A 521 -2.40 -20.59 3.26
C VAL A 521 -0.99 -20.80 3.78
N ALA A 522 -0.91 -21.42 4.96
CA ALA A 522 0.35 -21.82 5.59
C ALA A 522 1.42 -22.43 4.70
N PRO A 523 1.09 -23.32 3.76
CA PRO A 523 2.12 -23.93 2.91
C PRO A 523 2.95 -22.88 2.21
N LEU A 524 2.30 -21.86 1.66
CA LEU A 524 3.01 -20.77 1.00
C LEU A 524 3.90 -20.05 1.98
N LEU A 525 3.36 -19.79 3.17
CA LEU A 525 4.12 -19.11 4.17
C LEU A 525 5.44 -19.83 4.51
N VAL A 526 5.47 -21.17 4.49
CA VAL A 526 6.69 -21.79 5.01
C VAL A 526 7.68 -21.82 3.87
N TYR A 527 7.16 -21.93 2.64
CA TYR A 527 8.01 -21.87 1.48
C TYR A 527 8.72 -20.53 1.38
N LEU A 528 7.99 -19.45 1.67
CA LEU A 528 8.56 -18.10 1.69
C LEU A 528 9.68 -17.96 2.72
N GLY A 529 9.80 -18.93 3.61
CA GLY A 529 10.85 -18.92 4.63
C GLY A 529 12.11 -19.67 4.30
N THR A 530 12.10 -20.40 3.18
CA THR A 530 13.22 -21.25 2.81
C THR A 530 14.40 -20.45 2.26
N ASP A 531 15.56 -21.09 2.29
CA ASP A 531 16.78 -20.58 1.68
C ASP A 531 16.58 -20.29 0.20
N ASP A 532 15.88 -21.16 -0.51
CA ASP A 532 15.89 -21.10 -1.97
C ASP A 532 14.67 -20.42 -2.58
N VAL A 533 13.82 -19.78 -1.76
CA VAL A 533 12.75 -18.92 -2.30
C VAL A 533 13.35 -17.89 -3.31
N PRO A 534 12.98 -17.99 -4.61
CA PRO A 534 13.68 -17.28 -5.69
C PRO A 534 13.19 -15.87 -5.98
N VAL A 535 12.26 -15.34 -5.19
CA VAL A 535 11.76 -14.00 -5.40
C VAL A 535 11.74 -13.21 -4.09
N THR A 536 11.63 -11.89 -4.24
CA THR A 536 11.54 -10.93 -3.15
C THR A 536 10.73 -9.72 -3.62
N GLY A 537 10.12 -9.02 -2.67
CA GLY A 537 9.30 -7.86 -2.94
C GLY A 537 7.95 -8.17 -3.57
N GLU A 538 7.64 -9.49 -3.71
CA GLU A 538 6.44 -9.94 -4.45
C GLU A 538 5.17 -10.01 -3.53
N THR A 539 4.00 -9.84 -4.16
CA THR A 539 2.71 -9.89 -3.50
C THR A 539 1.88 -11.08 -3.93
N PHE A 540 1.34 -11.85 -2.99
CA PHE A 540 0.51 -13.03 -3.34
C PHE A 540 -0.84 -12.93 -2.64
N GLU A 541 -1.90 -13.28 -3.34
CA GLU A 541 -3.21 -13.51 -2.73
C GLU A 541 -3.46 -15.04 -2.78
N ILE A 542 -4.11 -15.57 -1.74
CA ILE A 542 -4.12 -17.03 -1.51
C ILE A 542 -5.27 -17.49 -0.61
N GLY A 543 -5.95 -18.54 -1.03
CA GLY A 543 -6.95 -19.18 -0.19
C GLY A 543 -7.72 -20.25 -0.93
N GLY A 544 -8.19 -21.23 -0.18
CA GLY A 544 -9.10 -22.24 -0.71
C GLY A 544 -8.51 -23.26 -1.66
N GLY A 545 -7.17 -23.32 -1.75
CA GLY A 545 -6.47 -24.10 -2.75
C GLY A 545 -5.93 -23.24 -3.88
N TRP A 546 -6.18 -21.93 -3.84
CA TRP A 546 -5.74 -21.03 -4.89
C TRP A 546 -4.56 -20.19 -4.44
N ILE A 547 -3.63 -19.95 -5.38
CA ILE A 547 -2.56 -18.97 -5.18
C ILE A 547 -2.37 -18.13 -6.44
N GLY A 548 -2.26 -16.82 -6.25
CA GLY A 548 -2.00 -15.88 -7.34
C GLY A 548 -0.96 -14.87 -6.93
N ASN A 549 -0.44 -14.12 -7.90
CA ASN A 549 0.52 -13.05 -7.67
C ASN A 549 -0.22 -11.73 -7.98
N THR A 550 0.29 -10.61 -7.49
CA THR A 550 -0.33 -9.28 -7.77
C THR A 550 0.75 -8.23 -8.05
N ARG A 551 0.56 -7.50 -9.14
CA ARG A 551 1.61 -6.63 -9.72
C ARG A 551 0.94 -5.36 -10.28
N TRP A 552 1.71 -4.54 -11.00
CA TRP A 552 1.18 -3.39 -11.73
C TRP A 552 1.05 -3.63 -13.24
N GLN A 553 0.01 -3.01 -13.80
CA GLN A 553 -0.08 -2.78 -15.25
C GLN A 553 -0.35 -1.28 -15.40
N ARG A 554 0.47 -0.62 -16.20
CA ARG A 554 0.37 0.82 -16.40
C ARG A 554 -0.10 1.02 -17.87
N ALA A 555 -0.93 2.03 -18.09
CA ALA A 555 -1.61 2.20 -19.37
C ALA A 555 -0.67 2.82 -20.36
N LYS A 556 -1.03 2.75 -21.64
CA LYS A 556 -0.31 3.41 -22.73
C LYS A 556 0.14 4.80 -22.32
N GLY A 557 -0.84 5.63 -21.95
CA GLY A 557 -0.57 6.97 -21.48
C GLY A 557 -0.60 8.01 -22.58
N ALA A 558 -0.75 9.27 -22.18
CA ALA A 558 -0.78 10.40 -23.09
C ALA A 558 0.44 11.28 -22.83
N VAL A 559 0.91 11.92 -23.90
CA VAL A 559 2.05 12.81 -23.82
C VAL A 559 1.69 14.19 -24.35
N SER A 560 1.78 15.19 -23.47
CA SER A 560 1.69 16.58 -23.86
C SER A 560 3.07 17.09 -24.24
N HIS A 561 3.15 17.68 -25.44
CA HIS A 561 4.41 18.20 -25.99
C HIS A 561 4.47 19.74 -25.83
N ASP A 562 3.32 20.41 -25.72
CA ASP A 562 3.28 21.86 -25.44
C ASP A 562 4.03 22.26 -24.17
N GLU A 563 4.54 23.49 -24.15
CA GLU A 563 5.28 23.99 -22.98
C GLU A 563 4.34 24.51 -21.87
N HIS A 564 3.10 24.84 -22.23
CA HIS A 564 2.03 24.95 -21.26
C HIS A 564 1.06 23.80 -21.53
N THR A 565 0.79 23.01 -20.49
CA THR A 565 -0.23 21.96 -20.56
C THR A 565 -1.42 22.35 -19.68
N THR A 566 -2.61 22.11 -20.21
CA THR A 566 -3.85 22.59 -19.59
C THR A 566 -4.64 21.42 -19.03
N VAL A 567 -5.67 21.76 -18.25
CA VAL A 567 -6.61 20.78 -17.78
C VAL A 567 -7.39 20.19 -18.95
N GLU A 568 -7.58 21.00 -19.99
CA GLU A 568 -8.26 20.56 -21.21
C GLU A 568 -7.52 19.39 -21.86
N PHE A 569 -6.19 19.40 -21.79
CA PHE A 569 -5.40 18.32 -22.39
C PHE A 569 -5.75 17.01 -21.72
N ILE A 570 -5.95 17.05 -20.40
CA ILE A 570 -6.30 15.81 -19.69
C ILE A 570 -7.66 15.34 -20.17
N LYS A 571 -8.61 16.28 -20.24
CA LYS A 571 -9.97 15.96 -20.69
C LYS A 571 -9.97 15.30 -22.06
N GLU A 572 -9.26 15.91 -23.00
CA GLU A 572 -9.27 15.48 -24.40
C GLU A 572 -8.46 14.22 -24.65
N HIS A 573 -7.51 13.88 -23.77
CA HIS A 573 -6.64 12.72 -23.98
C HIS A 573 -6.83 11.63 -22.94
N LEU A 574 -7.92 11.72 -22.18
CA LEU A 574 -8.32 10.70 -21.21
C LEU A 574 -8.34 9.29 -21.77
N ASN A 575 -8.78 9.16 -23.03
CA ASN A 575 -8.81 7.84 -23.69
C ASN A 575 -7.44 7.17 -23.66
N GLU A 576 -6.40 7.93 -23.98
CA GLU A 576 -5.01 7.49 -23.96
C GLU A 576 -4.46 7.24 -22.56
N ILE A 577 -4.88 8.05 -21.60
CA ILE A 577 -4.43 7.89 -20.22
C ILE A 577 -4.95 6.54 -19.66
N THR A 578 -6.14 6.12 -20.06
CA THR A 578 -6.82 4.93 -19.51
C THR A 578 -6.80 3.71 -20.50
N ASP A 579 -5.85 3.71 -21.44
CA ASP A 579 -5.81 2.72 -22.54
C ASP A 579 -4.89 1.48 -22.28
N PHE A 580 -5.49 0.38 -21.84
CA PHE A 580 -4.74 -0.82 -21.43
C PHE A 580 -4.77 -1.84 -22.57
N THR A 581 -5.27 -1.40 -23.73
CA THR A 581 -5.41 -2.24 -24.89
C THR A 581 -4.08 -2.45 -25.60
N THR A 582 -3.23 -1.41 -25.59
CA THR A 582 -1.90 -1.45 -26.22
C THR A 582 -0.82 -0.77 -25.38
N ASP A 583 0.43 -1.08 -25.71
CA ASP A 583 1.62 -0.40 -25.19
C ASP A 583 1.63 -0.27 -23.65
N THR A 584 1.18 -1.31 -22.95
CA THR A 584 1.15 -1.31 -21.50
C THR A 584 2.53 -1.67 -20.94
N GLU A 585 2.70 -1.40 -19.66
CA GLU A 585 3.94 -1.68 -18.96
C GLU A 585 3.64 -2.33 -17.62
N ASN A 586 4.61 -3.05 -17.06
CA ASN A 586 4.47 -3.73 -15.78
C ASN A 586 5.63 -3.36 -14.86
N PRO A 587 5.78 -2.08 -14.56
CA PRO A 587 6.91 -1.65 -13.72
C PRO A 587 6.83 -2.21 -12.32
N LYS A 588 8.01 -2.51 -11.75
CA LYS A 588 8.17 -3.05 -10.38
C LYS A 588 9.29 -2.34 -9.60
N SER A 589 9.84 -1.28 -10.18
CA SER A 589 10.76 -0.40 -9.48
C SER A 589 10.66 1.01 -10.04
N THR A 590 11.10 1.99 -9.27
CA THR A 590 11.06 3.38 -9.71
C THR A 590 11.98 3.56 -10.92
N THR A 591 13.04 2.77 -10.99
CA THR A 591 13.92 2.79 -12.17
C THR A 591 13.17 2.27 -13.39
N GLU A 592 12.43 1.17 -13.24
CA GLU A 592 11.69 0.60 -14.37
C GLU A 592 10.64 1.58 -14.89
N SER A 593 9.93 2.23 -13.98
CA SER A 593 8.90 3.17 -14.35
C SER A 593 9.50 4.37 -15.07
N SER A 594 10.59 4.88 -14.54
CA SER A 594 11.23 6.08 -15.10
C SER A 594 11.80 5.82 -16.51
N MET A 595 12.35 4.62 -16.73
CA MET A 595 12.84 4.23 -18.06
C MET A 595 11.67 4.16 -19.05
N ALA A 596 10.54 3.62 -18.59
CA ALA A 596 9.37 3.45 -19.45
C ALA A 596 8.74 4.78 -19.81
N ILE A 597 8.84 5.74 -18.89
CA ILE A 597 8.30 7.07 -19.09
C ILE A 597 9.21 7.83 -20.06
N LEU A 598 10.51 7.67 -19.90
CA LEU A 598 11.48 8.19 -20.85
C LEU A 598 11.13 7.71 -22.27
N SER A 599 10.77 6.43 -22.39
CA SER A 599 10.49 5.80 -23.69
C SER A 599 9.20 6.31 -24.34
N ALA A 600 8.15 6.50 -23.54
CA ALA A 600 6.88 7.01 -24.06
C ALA A 600 6.98 8.48 -24.47
N VAL A 601 7.67 9.29 -23.66
CA VAL A 601 7.93 10.69 -23.96
C VAL A 601 8.91 10.84 -25.15
N GLY A 602 9.83 9.88 -25.30
CA GLY A 602 10.84 9.89 -26.33
C GLY A 602 10.29 9.65 -27.73
N GLY A 603 9.21 8.86 -27.84
CA GLY A 603 8.43 8.76 -29.05
C GLY A 603 9.11 8.08 -30.23
#